data_7PVP
#
_entry.id   7PVP
#
_cell.length_a   34.342
_cell.length_b   46.858
_cell.length_c   46.911
_cell.angle_alpha   60.060
_cell.angle_beta   89.990
_cell.angle_gamma   89.970
#
_symmetry.space_group_name_H-M   'P 1'
#
loop_
_entity.id
_entity.type
_entity.pdbx_description
1 polymer SAKe6BC
2 water water
#
_entity_poly.entity_id   1
_entity_poly.type   'polypeptide(L)'
_entity_poly.pdbx_seq_one_letter_code
;GSHMNGHIYAVGGYDGHTHLNSVEAYDPETDEWRLVAPLTTPRSGMGVAVLNGHIYAVGGYDGHTHLNSVEAYDPETDEW
RLVAPLTTPRSGMGVAVLNGHIYAVGGYDGHTHLNSVEAYDPETDEWRLVAPLTTPRSGMGVAVLNGHIYAVGGYDGHTH
LNSVEAYDPETDEWRLVAPLTTPRSGMGVAVLNGHIYAVGGYDGHTHLNSVEAYDPETDEWRLVAPLTTPRSGMGVAVLN
GHIYAVGGYDGHTHLNSVEAYDPETDEWRLVAPLTTPRSGMGVAVL
;
_entity_poly.pdbx_strand_id   A
#
# COMPACT_ATOMS: atom_id res chain seq x y z
N GLY A 6 6.19 11.91 13.35
CA GLY A 6 7.15 11.10 12.55
C GLY A 6 7.21 9.58 12.86
N HIS A 7 6.09 8.94 12.60
CA HIS A 7 5.83 7.61 13.10
C HIS A 7 5.24 6.80 11.97
N ILE A 8 5.28 5.49 12.12
CA ILE A 8 4.66 4.60 11.15
C ILE A 8 3.34 4.14 11.75
N TYR A 9 2.25 4.27 11.00
CA TYR A 9 0.96 3.75 11.44
C TYR A 9 0.61 2.52 10.65
N ALA A 10 0.24 1.45 11.36
CA ALA A 10 -0.25 0.23 10.76
C ALA A 10 -1.75 0.19 11.00
N VAL A 11 -2.52 0.23 9.92
CA VAL A 11 -3.95 0.50 9.97
C VAL A 11 -4.74 -0.76 9.61
N GLY A 12 -5.54 -1.26 10.55
CA GLY A 12 -6.46 -2.36 10.20
C GLY A 12 -5.72 -3.63 9.78
N GLY A 13 -6.29 -4.35 8.82
CA GLY A 13 -5.72 -5.59 8.37
C GLY A 13 -6.46 -6.80 8.92
N TYR A 14 -5.78 -7.94 8.84
CA TYR A 14 -6.36 -9.23 9.22
C TYR A 14 -5.37 -9.97 10.09
N ASP A 15 -5.81 -10.50 11.25
CA ASP A 15 -4.86 -11.10 12.19
C ASP A 15 -4.70 -12.61 12.04
N GLY A 16 -5.25 -13.21 10.98
CA GLY A 16 -5.33 -14.65 10.88
C GLY A 16 -6.69 -15.21 11.20
N HIS A 17 -7.54 -14.47 11.89
CA HIS A 17 -8.92 -14.90 12.11
C HIS A 17 -9.95 -13.80 11.91
N THR A 18 -9.58 -12.54 12.12
CA THR A 18 -10.57 -11.48 12.16
C THR A 18 -10.00 -10.30 11.39
N HIS A 19 -10.88 -9.60 10.68
CA HIS A 19 -10.54 -8.32 10.07
C HIS A 19 -10.63 -7.26 11.17
N LEU A 20 -9.64 -6.36 11.20
CA LEU A 20 -9.34 -5.55 12.36
C LEU A 20 -9.79 -4.11 12.15
N ASN A 21 -10.31 -3.50 13.21
CA ASN A 21 -10.41 -2.05 13.18
C ASN A 21 -9.30 -1.38 13.99
N SER A 22 -8.43 -2.15 14.63
CA SER A 22 -7.38 -1.53 15.44
C SER A 22 -6.30 -0.89 14.57
N VAL A 23 -5.62 0.09 15.18
CA VAL A 23 -4.55 0.86 14.54
C VAL A 23 -3.42 0.99 15.55
N GLU A 24 -2.18 0.75 15.10
CA GLU A 24 -1.05 0.99 15.99
C GLU A 24 0.03 1.82 15.30
N ALA A 25 0.87 2.44 16.12
CA ALA A 25 1.89 3.37 15.62
C ALA A 25 3.26 3.02 16.17
N TYR A 26 4.26 3.17 15.31
CA TYR A 26 5.65 2.84 15.65
C TYR A 26 6.52 4.08 15.76
N ASP A 27 7.32 4.15 16.82
CA ASP A 27 8.34 5.17 16.97
C ASP A 27 9.71 4.53 16.77
N PRO A 28 10.43 4.89 15.72
CA PRO A 28 11.80 4.38 15.53
C PRO A 28 12.76 4.74 16.64
N GLU A 29 12.60 5.91 17.26
CA GLU A 29 13.57 6.33 18.28
C GLU A 29 13.53 5.41 19.49
N THR A 30 12.38 4.82 19.78
CA THR A 30 12.29 3.90 20.89
C THR A 30 12.10 2.46 20.45
N ASP A 31 11.83 2.22 19.15
CA ASP A 31 11.59 0.88 18.61
C ASP A 31 10.43 0.22 19.35
N GLU A 32 9.30 0.93 19.39
CA GLU A 32 8.14 0.50 20.15
C GLU A 32 6.87 0.80 19.34
N TRP A 33 5.88 -0.12 19.42
CA TRP A 33 4.53 0.08 18.89
C TRP A 33 3.55 0.34 20.03
N ARG A 34 2.57 1.18 19.77
CA ARG A 34 1.43 1.35 20.68
C ARG A 34 0.14 1.46 19.87
N LEU A 35 -0.95 0.92 20.43
CA LEU A 35 -2.26 1.12 19.81
C LEU A 35 -2.69 2.60 19.92
N VAL A 36 -3.38 3.09 18.88
CA VAL A 36 -4.02 4.40 18.91
C VAL A 36 -5.52 4.23 18.68
N ALA A 37 -6.28 5.30 18.41
CA ALA A 37 -7.73 5.15 18.22
C ALA A 37 -8.04 4.22 17.04
N PRO A 38 -9.02 3.32 17.17
CA PRO A 38 -9.38 2.43 16.06
C PRO A 38 -10.25 3.10 15.01
N LEU A 39 -10.25 2.48 13.84
CA LEU A 39 -11.13 2.83 12.73
C LEU A 39 -12.61 2.79 13.13
N THR A 40 -13.40 3.56 12.40
CA THR A 40 -14.86 3.47 12.54
C THR A 40 -15.39 2.09 12.17
N THR A 41 -14.71 1.35 11.28
CA THR A 41 -15.13 0.03 10.84
C THR A 41 -13.88 -0.84 10.67
N PRO A 42 -13.99 -2.15 10.93
CA PRO A 42 -12.90 -3.04 10.51
C PRO A 42 -12.61 -2.83 9.03
N ARG A 43 -11.34 -2.90 8.68
CA ARG A 43 -10.93 -2.73 7.28
C ARG A 43 -9.68 -3.54 7.05
N SER A 44 -9.72 -4.40 6.01
CA SER A 44 -8.50 -4.99 5.49
C SER A 44 -8.51 -4.76 3.99
N GLY A 45 -7.34 -4.91 3.38
CA GLY A 45 -7.18 -4.61 1.98
C GLY A 45 -7.54 -3.18 1.64
N MET A 46 -7.36 -2.25 2.56
CA MET A 46 -7.66 -0.85 2.27
C MET A 46 -6.38 -0.18 1.74
N GLY A 47 -6.53 1.05 1.29
CA GLY A 47 -5.39 1.87 0.91
C GLY A 47 -5.23 2.94 1.98
N VAL A 48 -3.99 3.38 2.22
CA VAL A 48 -3.76 4.41 3.23
C VAL A 48 -2.90 5.50 2.62
N ALA A 49 -3.34 6.75 2.77
CA ALA A 49 -2.63 7.93 2.26
C ALA A 49 -2.43 8.93 3.37
N VAL A 50 -1.36 9.73 3.28
CA VAL A 50 -1.16 10.88 4.18
C VAL A 50 -1.29 12.16 3.35
N LEU A 51 -2.22 13.04 3.76
CA LEU A 51 -2.45 14.30 3.06
C LEU A 51 -2.95 15.33 4.07
N ASN A 52 -2.42 16.55 4.00
CA ASN A 52 -2.79 17.62 4.94
C ASN A 52 -2.59 17.20 6.39
N GLY A 53 -1.57 16.41 6.69
CA GLY A 53 -1.36 16.03 8.07
C GLY A 53 -2.37 15.05 8.62
N HIS A 54 -3.16 14.42 7.76
CA HIS A 54 -4.11 13.42 8.21
C HIS A 54 -3.82 12.10 7.48
N ILE A 55 -4.24 11.01 8.10
CA ILE A 55 -4.16 9.69 7.48
C ILE A 55 -5.54 9.35 6.93
N TYR A 56 -5.61 8.96 5.66
CA TYR A 56 -6.87 8.51 5.08
C TYR A 56 -6.81 7.01 4.86
N ALA A 57 -7.86 6.34 5.34
CA ALA A 57 -8.06 4.91 5.16
C ALA A 57 -9.19 4.76 4.15
N VAL A 58 -8.85 4.21 2.98
CA VAL A 58 -9.68 4.27 1.79
C VAL A 58 -10.23 2.87 1.47
N GLY A 59 -11.54 2.71 1.53
CA GLY A 59 -12.16 1.44 1.13
C GLY A 59 -11.72 0.22 1.94
N GLY A 60 -11.60 -0.91 1.26
CA GLY A 60 -11.20 -2.16 1.89
C GLY A 60 -12.39 -3.08 2.09
N TYR A 61 -12.23 -4.00 3.04
CA TYR A 61 -13.20 -5.07 3.31
C TYR A 61 -13.41 -5.16 4.82
N ASP A 62 -14.66 -5.15 5.28
CA ASP A 62 -14.94 -5.11 6.72
C ASP A 62 -15.13 -6.49 7.34
N GLY A 63 -14.84 -7.56 6.60
CA GLY A 63 -15.17 -8.90 7.02
C GLY A 63 -16.41 -9.46 6.37
N HIS A 64 -17.26 -8.61 5.80
CA HIS A 64 -18.44 -9.10 5.09
C HIS A 64 -18.62 -8.41 3.74
N THR A 65 -18.24 -7.12 3.67
CA THR A 65 -18.53 -6.28 2.52
C THR A 65 -17.28 -5.56 2.07
N HIS A 66 -17.13 -5.43 0.75
CA HIS A 66 -16.13 -4.53 0.19
C HIS A 66 -16.70 -3.11 0.25
N LEU A 67 -15.88 -2.14 0.70
CA LEU A 67 -16.37 -0.87 1.18
C LEU A 67 -16.10 0.22 0.16
N ASN A 68 -17.03 1.16 0.06
CA ASN A 68 -16.69 2.44 -0.55
C ASN A 68 -16.42 3.53 0.45
N SER A 69 -16.56 3.26 1.75
CA SER A 69 -16.38 4.35 2.71
C SER A 69 -14.91 4.70 2.87
N VAL A 70 -14.69 5.93 3.32
CA VAL A 70 -13.36 6.50 3.51
C VAL A 70 -13.37 7.24 4.84
N GLU A 71 -12.30 7.08 5.60
CA GLU A 71 -12.22 7.79 6.88
C GLU A 71 -10.84 8.36 7.09
N ALA A 72 -10.78 9.44 7.87
CA ALA A 72 -9.55 10.20 8.03
C ALA A 72 -9.19 10.34 9.50
N TYR A 73 -7.90 10.25 9.79
CA TYR A 73 -7.39 10.32 11.16
C TYR A 73 -6.60 11.59 11.40
N ASP A 74 -6.83 12.19 12.57
CA ASP A 74 -6.07 13.35 13.02
C ASP A 74 -5.23 12.93 14.21
N PRO A 75 -3.89 12.96 14.09
CA PRO A 75 -3.04 12.60 15.24
C PRO A 75 -3.18 13.51 16.43
N GLU A 76 -3.38 14.81 16.20
CA GLU A 76 -3.46 15.78 17.29
C GLU A 76 -4.64 15.52 18.21
N THR A 77 -5.74 15.00 17.68
CA THR A 77 -6.87 14.63 18.52
C THR A 77 -7.05 13.11 18.70
N ASP A 78 -6.31 12.28 17.94
CA ASP A 78 -6.45 10.82 18.00
C ASP A 78 -7.90 10.41 17.74
N GLU A 79 -8.45 10.88 16.63
CA GLU A 79 -9.83 10.60 16.24
C GLU A 79 -9.90 10.31 14.75
N TRP A 80 -10.83 9.40 14.38
CA TRP A 80 -11.24 9.13 13.00
C TRP A 80 -12.62 9.74 12.74
N ARG A 81 -12.83 10.17 11.51
CA ARG A 81 -14.14 10.60 11.02
C ARG A 81 -14.29 10.15 9.59
N LEU A 82 -15.50 9.75 9.21
CA LEU A 82 -15.73 9.40 7.82
C LEU A 82 -15.71 10.67 6.97
N VAL A 83 -15.26 10.54 5.72
CA VAL A 83 -15.34 11.63 4.76
C VAL A 83 -16.14 11.15 3.54
N ALA A 84 -16.06 11.84 2.40
CA ALA A 84 -16.85 11.39 1.25
C ALA A 84 -16.45 9.99 0.77
N PRO A 85 -17.40 9.14 0.42
CA PRO A 85 -17.06 7.79 -0.06
C PRO A 85 -16.63 7.80 -1.51
N LEU A 86 -15.87 6.76 -1.86
CA LEU A 86 -15.53 6.41 -3.23
C LEU A 86 -16.74 6.33 -4.16
N THR A 87 -16.48 6.48 -5.47
CA THR A 87 -17.52 6.26 -6.47
C THR A 87 -17.91 4.79 -6.55
N THR A 88 -17.03 3.88 -6.10
CA THR A 88 -17.33 2.46 -6.17
C THR A 88 -16.65 1.81 -4.98
N PRO A 89 -17.24 0.75 -4.41
CA PRO A 89 -16.49 -0.07 -3.45
C PRO A 89 -15.16 -0.47 -4.08
N ARG A 90 -14.12 -0.51 -3.26
CA ARG A 90 -12.79 -0.91 -3.69
C ARG A 90 -12.07 -1.55 -2.52
N SER A 91 -11.57 -2.77 -2.72
CA SER A 91 -10.58 -3.34 -1.83
C SER A 91 -9.41 -3.78 -2.68
N GLY A 92 -8.26 -3.95 -2.03
CA GLY A 92 -7.04 -4.28 -2.76
C GLY A 92 -6.65 -3.21 -3.76
N MET A 93 -6.99 -1.95 -3.49
CA MET A 93 -6.57 -0.89 -4.41
C MET A 93 -5.21 -0.38 -3.97
N GLY A 94 -4.63 0.49 -4.78
CA GLY A 94 -3.44 1.21 -4.40
C GLY A 94 -3.87 2.64 -4.16
N VAL A 95 -3.20 3.33 -3.23
CA VAL A 95 -3.53 4.71 -2.97
C VAL A 95 -2.25 5.54 -3.05
N ALA A 96 -2.30 6.64 -3.81
CA ALA A 96 -1.16 7.54 -3.91
C ALA A 96 -1.59 8.97 -3.62
N VAL A 97 -0.63 9.78 -3.17
CA VAL A 97 -0.86 11.22 -3.02
C VAL A 97 0.00 11.97 -4.03
N LEU A 98 -0.65 12.76 -4.88
CA LEU A 98 0.06 13.53 -5.89
C LEU A 98 -0.71 14.84 -6.16
N ASN A 99 0.02 15.95 -6.31
CA ASN A 99 -0.60 17.27 -6.52
C ASN A 99 -1.69 17.58 -5.49
N GLY A 100 -1.50 17.13 -4.25
CA GLY A 100 -2.49 17.48 -3.23
C GLY A 100 -3.80 16.72 -3.33
N HIS A 101 -3.82 15.65 -4.10
CA HIS A 101 -5.01 14.81 -4.23
C HIS A 101 -4.64 13.40 -3.86
N ILE A 102 -5.66 12.63 -3.46
CA ILE A 102 -5.50 11.22 -3.20
C ILE A 102 -6.05 10.46 -4.40
N TYR A 103 -5.25 9.54 -4.94
CA TYR A 103 -5.70 8.67 -6.03
C TYR A 103 -5.93 7.27 -5.50
N ALA A 104 -7.12 6.74 -5.78
CA ALA A 104 -7.46 5.36 -5.52
C ALA A 104 -7.42 4.61 -6.85
N VAL A 105 -6.51 3.66 -6.95
CA VAL A 105 -6.13 3.03 -8.21
C VAL A 105 -6.61 1.58 -8.24
N GLY A 106 -7.52 1.26 -9.15
CA GLY A 106 -7.89 -0.15 -9.34
C GLY A 106 -8.58 -0.77 -8.13
N GLY A 107 -8.29 -2.06 -7.91
CA GLY A 107 -8.87 -2.80 -6.81
C GLY A 107 -9.98 -3.74 -7.27
N TYR A 108 -10.86 -4.07 -6.35
CA TYR A 108 -11.91 -5.06 -6.54
C TYR A 108 -13.18 -4.52 -5.91
N ASP A 109 -14.32 -4.54 -6.63
CA ASP A 109 -15.52 -3.90 -6.13
C ASP A 109 -16.50 -4.86 -5.44
N GLY A 110 -16.07 -6.07 -5.16
CA GLY A 110 -16.96 -7.10 -4.66
C GLY A 110 -17.38 -8.08 -5.73
N HIS A 111 -17.20 -7.71 -7.00
CA HIS A 111 -17.49 -8.66 -8.09
C HIS A 111 -16.41 -8.68 -9.16
N THR A 112 -15.70 -7.58 -9.41
CA THR A 112 -14.85 -7.51 -10.58
C THR A 112 -13.59 -6.77 -10.18
N HIS A 113 -12.47 -7.19 -10.79
CA HIS A 113 -11.22 -6.47 -10.60
C HIS A 113 -11.25 -5.27 -11.55
N LEU A 114 -10.80 -4.12 -11.04
CA LEU A 114 -11.14 -2.83 -11.64
C LEU A 114 -9.94 -2.25 -12.38
N ASN A 115 -10.20 -1.63 -13.52
CA ASN A 115 -9.20 -0.74 -14.10
C ASN A 115 -9.48 0.73 -13.84
N SER A 116 -10.58 1.06 -13.17
CA SER A 116 -10.87 2.48 -12.94
C SER A 116 -10.00 3.08 -11.85
N VAL A 117 -9.90 4.41 -11.89
CA VAL A 117 -9.06 5.20 -10.99
C VAL A 117 -9.84 6.45 -10.62
N GLU A 118 -9.89 6.76 -9.33
CA GLU A 118 -10.56 7.99 -8.94
C GLU A 118 -9.62 8.82 -8.07
N ALA A 119 -9.90 10.12 -8.02
CA ALA A 119 -9.05 11.06 -7.27
C ALA A 119 -9.90 11.88 -6.30
N TYR A 120 -9.34 12.15 -5.13
CA TYR A 120 -10.05 12.90 -4.09
C TYR A 120 -9.40 14.25 -3.86
N ASP A 121 -10.22 15.25 -3.66
CA ASP A 121 -9.80 16.59 -3.30
C ASP A 121 -10.28 16.90 -1.88
N PRO A 122 -9.39 17.06 -0.89
CA PRO A 122 -9.85 17.36 0.48
C PRO A 122 -10.54 18.71 0.61
N GLU A 123 -10.15 19.69 -0.21
CA GLU A 123 -10.73 21.03 -0.10
C GLU A 123 -12.21 21.02 -0.44
N THR A 124 -12.65 20.15 -1.34
CA THR A 124 -14.07 20.06 -1.63
C THR A 124 -14.71 18.75 -1.14
N ASP A 125 -13.90 17.82 -0.62
CA ASP A 125 -14.39 16.54 -0.11
C ASP A 125 -15.22 15.81 -1.15
N GLU A 126 -14.60 15.60 -2.33
CA GLU A 126 -15.29 14.96 -3.44
C GLU A 126 -14.29 14.09 -4.18
N TRP A 127 -14.80 12.97 -4.75
CA TRP A 127 -14.08 12.07 -5.65
C TRP A 127 -14.55 12.26 -7.09
N ARG A 128 -13.65 12.06 -8.04
CA ARG A 128 -14.02 12.02 -9.45
C ARG A 128 -13.16 10.95 -10.11
N LEU A 129 -13.74 10.27 -11.09
CA LEU A 129 -12.93 9.34 -11.87
C LEU A 129 -11.95 10.09 -12.75
N VAL A 130 -10.77 9.48 -12.95
CA VAL A 130 -9.82 9.97 -13.94
C VAL A 130 -9.58 8.86 -14.97
N ALA A 131 -8.51 8.99 -15.76
CA ALA A 131 -8.23 7.98 -16.79
C ALA A 131 -7.99 6.59 -16.16
N PRO A 132 -8.56 5.54 -16.73
CA PRO A 132 -8.35 4.19 -16.17
C PRO A 132 -7.00 3.60 -16.57
N LEU A 133 -6.57 2.64 -15.77
CA LEU A 133 -5.42 1.78 -16.09
C LEU A 133 -5.50 1.09 -17.45
N THR A 134 -4.34 0.73 -17.99
CA THR A 134 -4.28 -0.10 -19.19
C THR A 134 -4.86 -1.50 -18.98
N THR A 135 -4.87 -2.00 -17.75
CA THR A 135 -5.37 -3.32 -17.43
C THR A 135 -6.03 -3.23 -16.07
N PRO A 136 -7.09 -4.01 -15.80
CA PRO A 136 -7.56 -4.15 -14.42
C PRO A 136 -6.40 -4.62 -13.56
N ARG A 137 -6.36 -4.13 -12.32
CA ARG A 137 -5.30 -4.47 -11.37
C ARG A 137 -5.89 -4.38 -9.98
N SER A 138 -5.76 -5.46 -9.21
CA SER A 138 -5.99 -5.40 -7.79
C SER A 138 -4.76 -5.99 -7.13
N GLY A 139 -4.60 -5.72 -5.84
CA GLY A 139 -3.40 -6.15 -5.14
C GLY A 139 -2.11 -5.61 -5.75
N MET A 140 -2.17 -4.43 -6.34
CA MET A 140 -0.99 -3.80 -6.92
C MET A 140 -0.33 -2.93 -5.84
N GLY A 141 0.85 -2.43 -6.15
CA GLY A 141 1.51 -1.43 -5.32
C GLY A 141 1.45 -0.13 -6.08
N VAL A 142 1.33 0.99 -5.37
CA VAL A 142 1.32 2.29 -6.03
C VAL A 142 2.39 3.16 -5.40
N ALA A 143 3.23 3.77 -6.25
CA ALA A 143 4.28 4.69 -5.81
C ALA A 143 4.14 6.03 -6.50
N VAL A 144 4.61 7.12 -5.87
CA VAL A 144 4.70 8.39 -6.57
C VAL A 144 6.18 8.78 -6.69
N LEU A 145 6.64 9.00 -7.92
CA LEU A 145 8.04 9.35 -8.18
C LEU A 145 8.14 10.24 -9.42
N ASN A 146 8.95 11.31 -9.33
CA ASN A 146 9.09 12.27 -10.43
C ASN A 146 7.75 12.83 -10.86
N GLY A 147 6.81 13.01 -9.93
CA GLY A 147 5.54 13.60 -10.31
C GLY A 147 4.62 12.68 -11.09
N HIS A 148 4.89 11.38 -11.08
CA HIS A 148 4.05 10.41 -11.74
C HIS A 148 3.64 9.35 -10.73
N ILE A 149 2.51 8.69 -11.01
CA ILE A 149 2.02 7.61 -10.18
C ILE A 149 2.38 6.31 -10.89
N TYR A 150 2.99 5.38 -10.18
CA TYR A 150 3.30 4.08 -10.77
C TYR A 150 2.41 3.04 -10.14
N ALA A 151 1.77 2.23 -11.00
CA ALA A 151 0.96 1.09 -10.59
C ALA A 151 1.76 -0.15 -10.94
N VAL A 152 2.16 -0.90 -9.90
CA VAL A 152 3.17 -1.94 -10.00
C VAL A 152 2.51 -3.31 -9.82
N GLY A 153 2.56 -4.14 -10.87
CA GLY A 153 2.10 -5.51 -10.69
C GLY A 153 0.62 -5.62 -10.39
N GLY A 154 0.27 -6.61 -9.57
CA GLY A 154 -1.11 -6.88 -9.19
C GLY A 154 -1.68 -8.09 -9.93
N TYR A 155 -3.00 -8.12 -9.94
CA TYR A 155 -3.78 -9.24 -10.48
C TYR A 155 -4.87 -8.68 -11.37
N ASP A 156 -4.98 -9.15 -12.62
CA ASP A 156 -5.97 -8.60 -13.55
C ASP A 156 -7.32 -9.31 -13.54
N GLY A 157 -7.56 -10.21 -12.58
CA GLY A 157 -8.76 -11.02 -12.57
C GLY A 157 -8.53 -12.40 -13.13
N HIS A 158 -7.40 -12.62 -13.79
CA HIS A 158 -7.02 -13.98 -14.18
C HIS A 158 -5.56 -14.29 -13.93
N THR A 159 -4.67 -13.32 -13.97
CA THR A 159 -3.25 -13.61 -13.89
C THR A 159 -2.60 -12.60 -12.97
N HIS A 160 -1.60 -13.07 -12.22
CA HIS A 160 -0.72 -12.18 -11.46
C HIS A 160 0.28 -11.55 -12.43
N LEU A 161 0.49 -10.24 -12.31
CA LEU A 161 1.10 -9.43 -13.36
C LEU A 161 2.52 -9.04 -13.00
N ASN A 162 3.40 -9.04 -13.99
CA ASN A 162 4.67 -8.34 -13.84
C ASN A 162 4.68 -6.98 -14.50
N SER A 163 3.60 -6.59 -15.20
CA SER A 163 3.61 -5.28 -15.86
C SER A 163 3.54 -4.13 -14.86
N VAL A 164 4.04 -2.98 -15.29
CA VAL A 164 4.05 -1.75 -14.50
C VAL A 164 3.59 -0.63 -15.42
N GLU A 165 2.70 0.22 -14.94
CA GLU A 165 2.36 1.40 -15.74
C GLU A 165 2.46 2.67 -14.91
N ALA A 166 2.55 3.80 -15.60
CA ALA A 166 2.77 5.10 -14.96
C ALA A 166 1.76 6.13 -15.44
N TYR A 167 1.32 6.98 -14.52
CA TYR A 167 0.32 7.99 -14.81
C TYR A 167 0.89 9.40 -14.70
N ASP A 168 0.56 10.23 -15.69
CA ASP A 168 0.88 11.65 -15.69
C ASP A 168 -0.39 12.43 -15.44
N PRO A 169 -0.48 13.14 -14.32
CA PRO A 169 -1.68 13.97 -14.07
C PRO A 169 -1.84 15.12 -15.03
N GLU A 170 -0.74 15.66 -15.56
CA GLU A 170 -0.82 16.79 -16.48
C GLU A 170 -1.50 16.40 -17.79
N THR A 171 -1.37 15.15 -18.21
CA THR A 171 -2.05 14.72 -19.42
C THR A 171 -3.18 13.72 -19.17
N ASP A 172 -3.32 13.23 -17.94
CA ASP A 172 -4.35 12.26 -17.56
C ASP A 172 -4.26 11.02 -18.46
N GLU A 173 -3.06 10.45 -18.50
CA GLU A 173 -2.72 9.36 -19.40
C GLU A 173 -1.87 8.37 -18.60
N TRP A 174 -2.10 7.06 -18.83
CA TRP A 174 -1.24 5.97 -18.38
C TRP A 174 -0.41 5.42 -19.55
N ARG A 175 0.79 4.93 -19.24
CA ARG A 175 1.62 4.20 -20.19
C ARG A 175 2.38 3.10 -19.46
N LEU A 176 2.57 1.97 -20.14
CA LEU A 176 3.40 0.90 -19.57
C LEU A 176 4.87 1.34 -19.55
N VAL A 177 5.58 0.90 -18.52
CA VAL A 177 7.03 1.08 -18.42
C VAL A 177 7.66 -0.31 -18.32
N ALA A 178 8.94 -0.40 -17.95
CA ALA A 178 9.58 -1.71 -17.88
C ALA A 178 8.91 -2.63 -16.85
N PRO A 179 8.68 -3.90 -17.17
CA PRO A 179 8.09 -4.82 -16.19
C PRO A 179 9.06 -5.29 -15.11
N LEU A 180 8.46 -5.73 -14.01
CA LEU A 180 9.16 -6.42 -12.94
C LEU A 180 9.93 -7.65 -13.43
N THR A 181 10.92 -8.05 -12.64
CA THR A 181 11.63 -9.30 -12.90
C THR A 181 10.74 -10.51 -12.72
N THR A 182 9.70 -10.40 -11.87
CA THR A 182 8.78 -11.50 -11.59
C THR A 182 7.40 -10.90 -11.46
N PRO A 183 6.34 -11.63 -11.87
CA PRO A 183 4.99 -11.23 -11.50
C PRO A 183 4.93 -11.08 -9.99
N ARG A 184 4.13 -10.13 -9.55
CA ARG A 184 3.99 -9.82 -8.14
C ARG A 184 2.61 -9.23 -7.91
N SER A 185 1.85 -9.82 -6.98
CA SER A 185 0.67 -9.16 -6.45
C SER A 185 0.80 -9.20 -4.94
N GLY A 186 0.04 -8.34 -4.28
CA GLY A 186 0.15 -8.25 -2.84
C GLY A 186 1.52 -7.82 -2.36
N MET A 187 2.26 -7.10 -3.18
CA MET A 187 3.57 -6.62 -2.77
C MET A 187 3.40 -5.27 -2.07
N GLY A 188 4.50 -4.76 -1.51
CA GLY A 188 4.52 -3.41 -0.97
C GLY A 188 5.41 -2.59 -1.87
N VAL A 189 5.13 -1.30 -2.01
CA VAL A 189 5.92 -0.46 -2.88
C VAL A 189 6.31 0.78 -2.10
N ALA A 190 7.62 1.07 -2.08
CA ALA A 190 8.18 2.26 -1.42
C ALA A 190 9.00 3.08 -2.40
N VAL A 191 9.11 4.38 -2.14
CA VAL A 191 10.03 5.27 -2.87
C VAL A 191 11.13 5.76 -1.92
N LEU A 192 12.39 5.51 -2.28
CA LEU A 192 13.54 5.87 -1.46
C LEU A 192 14.73 6.14 -2.39
N ASN A 193 15.44 7.24 -2.17
CA ASN A 193 16.59 7.60 -3.01
C ASN A 193 16.22 7.69 -4.49
N GLY A 194 15.02 8.17 -4.79
CA GLY A 194 14.62 8.27 -6.19
C GLY A 194 14.45 6.95 -6.90
N HIS A 195 14.26 5.86 -6.17
CA HIS A 195 13.98 4.56 -6.76
C HIS A 195 12.67 4.04 -6.21
N ILE A 196 12.02 3.19 -6.99
CA ILE A 196 10.84 2.50 -6.51
C ILE A 196 11.25 1.08 -6.11
N TYR A 197 10.90 0.67 -4.91
CA TYR A 197 11.15 -0.70 -4.45
C TYR A 197 9.85 -1.46 -4.40
N ALA A 198 9.89 -2.66 -4.97
CA ALA A 198 8.77 -3.60 -4.96
C ALA A 198 9.18 -4.73 -4.04
N VAL A 199 8.46 -4.86 -2.95
CA VAL A 199 8.88 -5.67 -1.81
C VAL A 199 7.97 -6.89 -1.72
N GLY A 200 8.55 -8.08 -1.91
CA GLY A 200 7.80 -9.29 -1.58
C GLY A 200 6.63 -9.51 -2.54
N GLY A 201 5.53 -10.06 -1.99
CA GLY A 201 4.33 -10.34 -2.77
C GLY A 201 4.18 -11.81 -3.12
N TYR A 202 3.39 -12.05 -4.14
CA TYR A 202 3.03 -13.39 -4.61
C TYR A 202 3.13 -13.48 -6.12
N ASP A 203 3.88 -14.47 -6.65
CA ASP A 203 4.13 -14.53 -8.10
C ASP A 203 3.12 -15.36 -8.88
N GLY A 204 2.01 -15.74 -8.25
CA GLY A 204 1.11 -16.68 -8.86
C GLY A 204 1.24 -18.09 -8.32
N HIS A 205 2.39 -18.43 -7.72
CA HIS A 205 2.55 -19.76 -7.14
C HIS A 205 3.17 -19.72 -5.75
N THR A 206 4.04 -18.71 -5.46
CA THR A 206 4.85 -18.67 -4.25
C THR A 206 4.74 -17.29 -3.62
N HIS A 207 4.70 -17.23 -2.28
CA HIS A 207 4.88 -15.96 -1.60
C HIS A 207 6.38 -15.70 -1.52
N LEU A 208 6.77 -14.46 -1.79
CA LEU A 208 8.12 -14.12 -2.20
C LEU A 208 8.86 -13.40 -1.08
N ASN A 209 10.14 -13.71 -0.91
CA ASN A 209 10.98 -12.83 -0.12
C ASN A 209 11.82 -11.90 -1.00
N SER A 210 11.71 -12.00 -2.31
CA SER A 210 12.59 -11.16 -3.12
C SER A 210 12.08 -9.72 -3.17
N VAL A 211 13.01 -8.83 -3.50
CA VAL A 211 12.78 -7.39 -3.53
C VAL A 211 13.51 -6.87 -4.76
N GLU A 212 12.85 -6.03 -5.54
CA GLU A 212 13.50 -5.38 -6.68
C GLU A 212 13.31 -3.88 -6.64
N ALA A 213 14.19 -3.17 -7.34
CA ALA A 213 14.13 -1.71 -7.35
C ALA A 213 14.19 -1.17 -8.77
N TYR A 214 13.45 -0.10 -9.00
CA TYR A 214 13.33 0.50 -10.32
C TYR A 214 14.00 1.87 -10.35
N ASP A 215 14.73 2.13 -11.42
CA ASP A 215 15.31 3.44 -11.72
C ASP A 215 14.54 4.05 -12.89
N PRO A 216 13.84 5.16 -12.69
CA PRO A 216 13.19 5.83 -13.84
C PRO A 216 14.13 6.34 -14.89
N GLU A 217 15.34 6.79 -14.51
CA GLU A 217 16.26 7.38 -15.50
C GLU A 217 16.68 6.35 -16.54
N THR A 218 16.75 5.09 -16.18
CA THR A 218 17.12 4.08 -17.15
C THR A 218 15.98 3.10 -17.47
N ASP A 219 14.83 3.22 -16.78
CA ASP A 219 13.66 2.35 -16.99
C ASP A 219 14.07 0.88 -16.84
N GLU A 220 14.70 0.56 -15.72
CA GLU A 220 15.16 -0.79 -15.45
C GLU A 220 14.91 -1.16 -13.99
N TRP A 221 14.61 -2.46 -13.76
CA TRP A 221 14.50 -3.11 -12.46
C TRP A 221 15.71 -4.00 -12.21
N ARG A 222 16.13 -4.09 -10.96
CA ARG A 222 17.16 -5.04 -10.55
C ARG A 222 16.78 -5.55 -9.16
N LEU A 223 17.08 -6.82 -8.93
CA LEU A 223 16.88 -7.37 -7.59
C LEU A 223 17.90 -6.78 -6.62
N VAL A 224 17.46 -6.58 -5.37
CA VAL A 224 18.33 -6.18 -4.27
C VAL A 224 18.26 -7.26 -3.18
N ALA A 225 18.75 -6.97 -1.97
CA ALA A 225 18.74 -7.97 -0.92
C ALA A 225 17.31 -8.42 -0.55
N PRO A 226 17.07 -9.71 -0.38
CA PRO A 226 15.73 -10.20 -0.04
C PRO A 226 15.38 -9.99 1.43
N LEU A 227 14.08 -9.99 1.68
CA LEU A 227 13.53 -10.01 3.04
C LEU A 227 14.06 -11.17 3.87
N THR A 228 13.97 -11.02 5.20
CA THR A 228 14.28 -12.12 6.10
C THR A 228 13.26 -13.23 6.02
N THR A 229 12.04 -12.93 5.59
CA THR A 229 11.00 -13.94 5.44
C THR A 229 10.18 -13.59 4.19
N PRO A 230 9.65 -14.59 3.49
CA PRO A 230 8.61 -14.29 2.48
C PRO A 230 7.52 -13.46 3.14
N ARG A 231 7.01 -12.50 2.39
CA ARG A 231 5.93 -11.66 2.88
C ARG A 231 5.05 -11.27 1.70
N SER A 232 3.73 -11.51 1.81
CA SER A 232 2.80 -10.89 0.90
C SER A 232 1.73 -10.21 1.73
N GLY A 233 1.06 -9.24 1.13
CA GLY A 233 0.06 -8.49 1.87
C GLY A 233 0.64 -7.73 3.04
N MET A 234 1.88 -7.27 2.92
CA MET A 234 2.52 -6.48 3.96
C MET A 234 2.24 -5.02 3.69
N GLY A 235 2.60 -4.16 4.63
CA GLY A 235 2.60 -2.73 4.41
C GLY A 235 4.04 -2.28 4.30
N VAL A 236 4.30 -1.25 3.50
CA VAL A 236 5.66 -0.77 3.37
C VAL A 236 5.66 0.73 3.61
N ALA A 237 6.58 1.19 4.45
CA ALA A 237 6.72 2.61 4.76
C ALA A 237 8.16 3.03 4.56
N VAL A 238 8.37 4.32 4.29
CA VAL A 238 9.72 4.88 4.27
C VAL A 238 9.83 5.91 5.41
N LEU A 239 10.76 5.68 6.33
CA LEU A 239 11.00 6.56 7.45
C LEU A 239 12.50 6.59 7.80
N ASN A 240 13.06 7.78 8.03
CA ASN A 240 14.49 7.90 8.37
C ASN A 240 15.40 7.27 7.33
N GLY A 241 15.03 7.32 6.05
CA GLY A 241 15.92 6.77 5.04
C GLY A 241 15.96 5.25 4.99
N HIS A 242 15.00 4.60 5.65
CA HIS A 242 14.89 3.16 5.64
C HIS A 242 13.51 2.76 5.13
N ILE A 243 13.44 1.58 4.56
CA ILE A 243 12.18 0.99 4.14
C ILE A 243 11.77 0.00 5.24
N TYR A 244 10.52 0.09 5.72
CA TYR A 244 9.98 -0.86 6.67
C TYR A 244 8.96 -1.73 5.98
N ALA A 245 9.10 -3.05 6.14
CA ALA A 245 8.13 -4.02 5.71
C ALA A 245 7.40 -4.55 6.93
N VAL A 246 6.10 -4.29 6.98
CA VAL A 246 5.30 -4.45 8.19
C VAL A 246 4.34 -5.62 8.01
N GLY A 247 4.51 -6.66 8.85
CA GLY A 247 3.54 -7.77 8.86
C GLY A 247 3.45 -8.51 7.54
N GLY A 248 2.23 -8.95 7.21
CA GLY A 248 1.97 -9.68 6.00
C GLY A 248 1.74 -11.15 6.28
N TYR A 249 1.98 -11.95 5.25
CA TYR A 249 1.72 -13.40 5.27
C TYR A 249 2.89 -14.12 4.63
N ASP A 250 3.46 -15.16 5.29
CA ASP A 250 4.67 -15.78 4.76
C ASP A 250 4.41 -17.02 3.91
N GLY A 251 3.16 -17.27 3.53
CA GLY A 251 2.81 -18.50 2.87
C GLY A 251 2.14 -19.50 3.79
N HIS A 252 2.27 -19.34 5.11
CA HIS A 252 1.60 -20.21 6.08
C HIS A 252 0.97 -19.44 7.24
N THR A 253 1.56 -18.31 7.66
CA THR A 253 1.16 -17.60 8.86
C THR A 253 1.05 -16.11 8.56
N HIS A 254 0.06 -15.48 9.17
CA HIS A 254 -0.02 -14.02 9.18
C HIS A 254 0.92 -13.51 10.26
N LEU A 255 1.66 -12.47 9.93
CA LEU A 255 2.88 -12.12 10.63
C LEU A 255 2.66 -10.88 11.48
N ASN A 256 3.27 -10.90 12.66
CA ASN A 256 3.45 -9.65 13.38
C ASN A 256 4.86 -9.11 13.27
N SER A 257 5.76 -9.81 12.58
CA SER A 257 7.13 -9.28 12.49
C SER A 257 7.20 -8.10 11.53
N VAL A 258 8.28 -7.32 11.71
CA VAL A 258 8.52 -6.08 10.98
C VAL A 258 10.01 -6.03 10.70
N GLU A 259 10.39 -5.75 9.47
CA GLU A 259 11.82 -5.61 9.19
C GLU A 259 12.08 -4.30 8.46
N ALA A 260 13.34 -3.87 8.51
CA ALA A 260 13.72 -2.57 7.94
C ALA A 260 14.94 -2.73 7.03
N TYR A 261 14.94 -1.99 5.94
CA TYR A 261 16.01 -2.08 4.95
C TYR A 261 16.81 -0.79 4.87
N ASP A 262 18.12 -0.94 4.80
CA ASP A 262 19.02 0.19 4.61
C ASP A 262 19.62 0.09 3.21
N PRO A 263 19.30 1.01 2.28
CA PRO A 263 19.91 0.97 0.95
C PRO A 263 21.42 1.11 0.94
N GLU A 264 21.98 1.87 1.87
CA GLU A 264 23.43 2.11 1.86
C GLU A 264 24.20 0.84 2.13
N THR A 265 23.66 -0.08 2.92
CA THR A 265 24.32 -1.36 3.10
C THR A 265 23.61 -2.51 2.38
N ASP A 266 22.44 -2.27 1.79
CA ASP A 266 21.64 -3.30 1.12
C ASP A 266 21.40 -4.50 2.06
N GLU A 267 20.83 -4.19 3.23
CA GLU A 267 20.61 -5.24 4.21
C GLU A 267 19.28 -4.98 4.91
N TRP A 268 18.59 -6.06 5.31
CA TRP A 268 17.38 -6.06 6.13
C TRP A 268 17.68 -6.53 7.55
N ARG A 269 16.98 -5.97 8.53
CA ARG A 269 17.03 -6.47 9.90
C ARG A 269 15.65 -6.38 10.51
N LEU A 270 15.31 -7.35 11.37
CA LEU A 270 14.04 -7.28 12.10
C LEU A 270 14.08 -6.14 13.12
N VAL A 271 12.91 -5.48 13.33
CA VAL A 271 12.80 -4.52 14.42
C VAL A 271 11.67 -4.99 15.34
N ALA A 272 11.15 -4.12 16.22
CA ALA A 272 10.09 -4.56 17.13
C ALA A 272 8.83 -5.02 16.39
N PRO A 273 8.21 -6.12 16.82
CA PRO A 273 7.00 -6.59 16.15
C PRO A 273 5.76 -5.80 16.54
N LEU A 274 4.78 -5.85 15.64
CA LEU A 274 3.43 -5.37 15.93
C LEU A 274 2.80 -5.97 17.17
N THR A 275 1.85 -5.24 17.76
CA THR A 275 1.05 -5.77 18.85
C THR A 275 0.21 -6.98 18.44
N THR A 276 -0.11 -7.12 17.16
CA THR A 276 -0.94 -8.21 16.67
C THR A 276 -0.44 -8.58 15.29
N PRO A 277 -0.55 -9.85 14.88
CA PRO A 277 -0.32 -10.17 13.46
C PRO A 277 -1.25 -9.33 12.63
N ARG A 278 -0.76 -8.88 11.48
CA ARG A 278 -1.53 -8.07 10.54
C ARG A 278 -1.09 -8.40 9.13
N SER A 279 -2.04 -8.78 8.28
CA SER A 279 -1.81 -8.76 6.85
C SER A 279 -2.95 -7.99 6.20
N GLY A 280 -2.75 -7.64 4.94
CA GLY A 280 -3.61 -6.67 4.26
C GLY A 280 -3.86 -5.37 5.04
N MET A 281 -2.88 -4.88 5.78
CA MET A 281 -3.04 -3.62 6.49
C MET A 281 -2.64 -2.48 5.55
N GLY A 282 -2.90 -1.26 5.98
CA GLY A 282 -2.37 -0.09 5.31
C GLY A 282 -1.26 0.47 6.19
N VAL A 283 -0.23 1.05 5.58
CA VAL A 283 0.82 1.62 6.39
C VAL A 283 1.06 3.06 5.95
N ALA A 284 1.10 3.97 6.92
CA ALA A 284 1.36 5.39 6.61
C ALA A 284 2.48 5.93 7.49
N VAL A 285 3.15 6.96 7.00
CA VAL A 285 4.12 7.69 7.81
C VAL A 285 3.60 9.11 8.04
N LEU A 286 3.51 9.51 9.32
CA LEU A 286 3.05 10.84 9.71
C LEU A 286 3.69 11.27 11.06
#